data_6IBY
#
_entry.id   6IBY
#
_cell.length_a   102.532
_cell.length_b   102.532
_cell.length_c   253.658
_cell.angle_alpha   90.000
_cell.angle_beta   90.000
_cell.angle_gamma   120.000
#
_symmetry.space_group_name_H-M   'P 65 2 2'
#
loop_
_entity.id
_entity.type
_entity.pdbx_description
1 polymer '6-phosphofructo-2-kinase/fructose-2,6-bisphosphatase 3'
2 non-polymer 3-[[8-(1-methylindol-6-yl)quinoxalin-6-yl]amino]-~{N}-[(3~{S})-1-methylpyrrolidin-3-yl]pyridine-4-carboxamide
3 non-polymer 'PYROPHOSPHATE 2-'
4 non-polymer 'CITRATE ANION'
5 non-polymer 6-O-phosphono-beta-D-fructofuranose
6 non-polymer BETA-MERCAPTOETHANOL
7 non-polymer 'PHOSPHATE ION'
8 water water
#
_entity_poly.entity_id   1
_entity_poly.type   'polypeptide(L)'
_entity_poly.pdbx_seq_one_letter_code
;ELTQSRVQKIWVPNSPTVIVMVGLPARGKTYISKKLTRYLNWIGVPTKVFNVGEYRREAVKQYSSYNFFRPDNEEAMKVR
KQCALAALRDVKSYLAKEGGQIAVFDATNTTRERRHMILHFAKENDFKAFFIESVCDDPTVVASNIMEVKISSPDYKDCN
SAEAMDDFMKRISCYEASYQPLDPDKCDRDLSLIKVIDVGRRFLVNRVQDHIQSRIVYYLMNIHVQPRTIYLCRHGENEH
NLQGRIGGDSGLSSRGKKFASALSKFVEEQNLKDLRVWTSQLKSTIQTAEALRLPYEQWKALNEIDAGVCEELTYEEIRD
TYPEEYALREQDKYYYRYPTGESYQDLVQRLEPVIMELERQENVLVICHQAVLRCLLAYFLDKSAEEMPYLKCPLHTVLK
LTPVAYGCRVESIYLNVESVCTHRERSE
;
_entity_poly.pdbx_strand_id   A
#
loop_
_chem_comp.id
_chem_comp.type
_chem_comp.name
_chem_comp.formula
BME non-polymer BETA-MERCAPTOETHANOL 'C2 H6 O S'
F6P D-saccharide, beta linking 6-O-phosphono-beta-D-fructofuranose 'C6 H13 O9 P'
FLC non-polymer 'CITRATE ANION' 'C6 H5 O7 -3'
HAT non-polymer 3-[[8-(1-methylindol-6-yl)quinoxalin-6-yl]amino]-~{N}-[(3~{S})-1-methylpyrrolidin-3-yl]pyridine-4-carboxamide 'C28 H27 N7 O'
PO4 non-polymer 'PHOSPHATE ION' 'O4 P -3'
POP non-polymer 'PYROPHOSPHATE 2-' 'H2 O7 P2 -2'
#
# COMPACT_ATOMS: atom_id res chain seq x y z
N GLU A 1 0.58 -3.42 -41.26
CA GLU A 1 1.91 -3.60 -40.62
C GLU A 1 1.90 -3.05 -39.16
N LEU A 2 2.77 -3.60 -38.32
CA LEU A 2 2.98 -3.13 -36.93
C LEU A 2 4.43 -2.66 -36.63
N THR A 3 4.55 -1.78 -35.63
CA THR A 3 5.82 -1.25 -35.12
C THR A 3 5.94 -1.50 -33.59
N GLN A 4 7.05 -2.09 -33.17
CA GLN A 4 7.28 -2.30 -31.74
C GLN A 4 7.78 -1.01 -31.02
N SER A 5 7.09 -0.61 -29.95
CA SER A 5 7.51 0.54 -29.12
C SER A 5 8.85 0.20 -28.46
N ARG A 6 9.70 1.21 -28.31
CA ARG A 6 11.10 0.97 -28.00
C ARG A 6 11.36 0.72 -26.50
N VAL A 7 10.73 1.52 -25.63
CA VAL A 7 10.85 1.33 -24.18
C VAL A 7 10.17 -0.02 -23.81
N GLN A 8 8.86 -0.11 -24.09
CA GLN A 8 8.04 -1.19 -23.54
C GLN A 8 7.91 -2.44 -24.41
N LYS A 9 8.49 -2.43 -25.60
CA LYS A 9 8.45 -3.62 -26.48
C LYS A 9 7.00 -4.10 -26.72
N ILE A 10 6.08 -3.13 -26.89
CA ILE A 10 4.64 -3.38 -27.16
C ILE A 10 4.37 -3.03 -28.63
N TRP A 11 3.83 -3.97 -29.41
CA TRP A 11 3.51 -3.70 -30.84
C TRP A 11 2.30 -2.78 -30.99
N VAL A 12 2.45 -1.69 -31.76
CA VAL A 12 1.32 -0.76 -31.98
C VAL A 12 1.07 -0.61 -33.50
N PRO A 13 -0.23 -0.36 -33.88
CA PRO A 13 -0.76 -0.42 -35.28
C PRO A 13 0.06 0.23 -36.43
N ASN A 14 -13.93 1.34 -18.44
CA ASN A 14 -14.43 1.48 -17.08
C ASN A 14 -14.80 2.96 -16.81
N SER A 15 -15.91 3.19 -16.11
CA SER A 15 -16.13 4.47 -15.47
C SER A 15 -15.24 4.59 -14.22
N PRO A 16 -14.79 5.81 -13.91
CA PRO A 16 -14.05 5.93 -12.68
C PRO A 16 -15.00 5.87 -11.50
N THR A 17 -14.44 5.61 -10.30
CA THR A 17 -15.26 5.23 -9.18
C THR A 17 -15.05 6.06 -7.95
N VAL A 18 -16.14 6.40 -7.30
CA VAL A 18 -16.04 7.00 -5.98
C VAL A 18 -16.29 5.92 -4.91
N ILE A 19 -15.27 5.65 -4.12
CA ILE A 19 -15.41 4.84 -2.93
C ILE A 19 -15.84 5.73 -1.77
N VAL A 20 -17.02 5.46 -1.24
CA VAL A 20 -17.58 6.28 -0.21
C VAL A 20 -17.42 5.58 1.11
N MET A 21 -16.54 6.11 1.97
CA MET A 21 -16.39 5.57 3.32
C MET A 21 -17.59 5.93 4.18
N VAL A 22 -17.96 5.06 5.12
CA VAL A 22 -19.11 5.30 5.96
C VAL A 22 -18.85 4.83 7.39
N GLY A 23 -19.16 5.71 8.37
CA GLY A 23 -19.11 5.28 9.77
C GLY A 23 -18.87 6.31 10.87
N LEU A 24 -19.16 5.91 12.08
CA LEU A 24 -18.85 6.75 13.21
C LEU A 24 -17.32 6.97 13.27
N PRO A 25 -16.88 8.09 13.85
CA PRO A 25 -15.44 8.36 13.92
C PRO A 25 -14.76 7.30 14.69
N ALA A 26 -13.46 7.15 14.45
CA ALA A 26 -12.64 6.13 15.10
C ALA A 26 -13.16 4.72 14.78
N ARG A 27 -13.48 4.47 13.52
CA ARG A 27 -13.89 3.10 13.08
C ARG A 27 -12.94 2.56 12.00
N GLY A 28 -11.75 3.18 11.89
CA GLY A 28 -10.76 2.80 10.95
C GLY A 28 -11.02 3.22 9.53
N LYS A 29 -11.91 4.17 9.30
CA LYS A 29 -12.18 4.50 7.89
C LYS A 29 -10.95 5.00 7.17
N THR A 30 -10.16 5.77 7.88
CA THR A 30 -9.03 6.50 7.30
C THR A 30 -7.88 5.53 7.12
N TYR A 31 -7.69 4.71 8.14
CA TYR A 31 -6.80 3.56 8.10
C TYR A 31 -7.04 2.77 6.83
N ILE A 32 -8.27 2.39 6.64
CA ILE A 32 -8.63 1.64 5.50
C ILE A 32 -8.51 2.46 4.24
N SER A 33 -8.90 3.71 4.27
CA SER A 33 -8.79 4.51 3.03
C SER A 33 -7.35 4.51 2.46
N LYS A 34 -6.40 4.71 3.40
CA LYS A 34 -4.99 4.85 3.08
C LYS A 34 -4.41 3.54 2.59
N LYS A 35 -4.69 2.48 3.34
CA LYS A 35 -4.13 1.20 2.99
C LYS A 35 -4.59 0.75 1.58
N LEU A 36 -5.85 1.00 1.30
CA LEU A 36 -6.50 0.55 0.07
C LEU A 36 -5.94 1.34 -1.08
N THR A 37 -5.75 2.63 -0.84
CA THR A 37 -5.17 3.52 -1.83
C THR A 37 -3.71 3.13 -2.13
N ARG A 38 -3.00 2.70 -1.11
CA ARG A 38 -1.63 2.18 -1.29
C ARG A 38 -1.65 0.92 -2.19
N TYR A 39 -2.54 -0.02 -1.92
CA TYR A 39 -2.60 -1.24 -2.69
C TYR A 39 -3.00 -0.87 -4.10
N LEU A 40 -3.97 0.02 -4.24
CA LEU A 40 -4.48 0.29 -5.57
C LEU A 40 -3.45 0.92 -6.48
N ASN A 41 -2.77 1.95 -5.98
CA ASN A 41 -1.78 2.66 -6.77
C ASN A 41 -0.70 1.69 -7.19
N TRP A 42 -0.21 0.89 -6.25
CA TRP A 42 0.86 -0.06 -6.54
C TRP A 42 0.52 -1.10 -7.62
N ILE A 43 -0.71 -1.63 -7.65
CA ILE A 43 -1.09 -2.48 -8.79
C ILE A 43 -1.40 -1.67 -10.02
N GLY A 44 -1.19 -0.37 -9.99
CA GLY A 44 -1.31 0.43 -11.18
C GLY A 44 -2.68 1.01 -11.41
N VAL A 45 -3.50 1.18 -10.37
CA VAL A 45 -4.82 1.87 -10.49
C VAL A 45 -4.74 3.25 -9.81
N PRO A 46 -4.67 4.32 -10.60
CA PRO A 46 -4.47 5.62 -9.93
C PRO A 46 -5.59 6.01 -8.92
N THR A 47 -5.19 6.24 -7.67
CA THR A 47 -6.13 6.37 -6.59
C THR A 47 -5.65 7.44 -5.61
N LYS A 48 -6.59 8.24 -5.11
CA LYS A 48 -6.30 9.34 -4.16
C LYS A 48 -7.37 9.46 -3.07
N VAL A 49 -6.92 9.59 -1.82
CA VAL A 49 -7.82 9.86 -0.72
C VAL A 49 -8.22 11.36 -0.67
N PHE A 50 -9.52 11.63 -0.68
CA PHE A 50 -10.05 12.94 -0.29
C PHE A 50 -10.65 12.84 1.10
N ASN A 51 -9.83 13.26 2.07
CA ASN A 51 -10.23 13.32 3.47
C ASN A 51 -10.95 14.65 3.83
N VAL A 52 -12.25 14.60 4.02
CA VAL A 52 -13.03 15.84 4.27
C VAL A 52 -12.56 16.56 5.54
N GLY A 53 -12.20 15.83 6.58
CA GLY A 53 -11.59 16.43 7.74
C GLY A 53 -10.42 17.33 7.44
N GLU A 54 -9.55 16.93 6.52
CA GLU A 54 -8.43 17.80 6.14
C GLU A 54 -8.93 19.13 5.58
N TYR A 55 -10.04 19.09 4.82
CA TYR A 55 -10.60 20.30 4.21
C TYR A 55 -11.15 21.25 5.31
N ARG A 56 -11.75 20.64 6.31
CA ARG A 56 -12.27 21.32 7.47
C ARG A 56 -11.12 21.91 8.26
N ARG A 57 -10.10 21.13 8.56
CA ARG A 57 -8.94 21.61 9.27
C ARG A 57 -8.38 22.84 8.57
N GLU A 58 -8.50 22.95 7.25
CA GLU A 58 -7.93 24.09 6.57
C GLU A 58 -8.92 25.28 6.42
N ALA A 59 -10.22 25.04 6.58
CA ALA A 59 -11.19 26.13 6.44
C ALA A 59 -11.33 26.89 7.76
N VAL A 60 -10.98 26.25 8.85
CA VAL A 60 -11.23 26.79 10.14
C VAL A 60 -9.96 27.11 10.90
N LYS A 61 -8.84 26.57 10.42
CA LYS A 61 -7.63 26.46 11.24
C LYS A 61 -8.09 26.03 12.65
N GLN A 62 -7.55 26.59 13.72
CA GLN A 62 -7.49 25.81 14.96
C GLN A 62 -8.80 25.31 15.53
N TYR A 63 -8.70 24.09 16.07
CA TYR A 63 -9.77 23.31 16.65
C TYR A 63 -9.74 23.60 18.10
N SER A 64 -10.91 23.78 18.72
CA SER A 64 -10.96 23.93 20.17
C SER A 64 -11.71 22.81 20.88
N SER A 65 -12.83 22.34 20.32
CA SER A 65 -13.51 21.22 20.96
C SER A 65 -14.62 20.57 20.17
N TYR A 66 -15.16 19.49 20.74
CA TYR A 66 -16.25 18.79 20.09
C TYR A 66 -17.49 19.65 19.83
N ASN A 67 -17.59 20.84 20.43
CA ASN A 67 -18.78 21.71 20.21
C ASN A 67 -18.91 22.04 18.75
N PHE A 68 -17.79 21.99 18.05
CA PHE A 68 -17.84 22.17 16.63
C PHE A 68 -18.70 21.10 15.91
N PHE A 69 -18.79 19.91 16.49
CA PHE A 69 -19.44 18.81 15.79
C PHE A 69 -20.88 18.60 16.22
N ARG A 70 -21.40 19.54 17.00
CA ARG A 70 -22.75 19.44 17.52
C ARG A 70 -23.77 19.57 16.40
N PRO A 71 -24.81 18.74 16.42
CA PRO A 71 -25.92 18.88 15.42
C PRO A 71 -26.66 20.20 15.51
N ASP A 72 -26.71 20.81 16.69
CA ASP A 72 -27.36 22.13 16.79
C ASP A 72 -26.46 23.29 16.31
N ASN A 73 -25.18 23.01 16.06
CA ASN A 73 -24.24 24.00 15.56
C ASN A 73 -24.50 24.38 14.10
N GLU A 74 -25.43 25.31 13.88
CA GLU A 74 -25.89 25.64 12.54
C GLU A 74 -24.72 26.01 11.63
N GLU A 75 -23.79 26.79 12.14
CA GLU A 75 -22.77 27.35 11.28
C GLU A 75 -21.62 26.34 11.05
N ALA A 76 -21.30 25.51 12.04
CA ALA A 76 -20.34 24.47 11.77
C ALA A 76 -20.97 23.48 10.75
N MET A 77 -22.27 23.29 10.77
CA MET A 77 -22.86 22.38 9.83
C MET A 77 -22.76 22.94 8.43
N LYS A 78 -22.98 24.23 8.25
CA LYS A 78 -22.88 24.86 6.91
C LYS A 78 -21.47 24.64 6.37
N VAL A 79 -20.49 24.72 7.27
CA VAL A 79 -19.09 24.72 6.90
C VAL A 79 -18.65 23.32 6.50
N ARG A 80 -18.90 22.38 7.41
CA ARG A 80 -18.70 20.98 7.14
C ARG A 80 -19.31 20.60 5.82
N LYS A 81 -20.53 21.04 5.56
CA LYS A 81 -21.12 20.79 4.27
C LYS A 81 -20.30 21.42 3.13
N GLN A 82 -19.85 22.66 3.30
CA GLN A 82 -19.09 23.39 2.27
CA GLN A 82 -19.17 23.31 2.20
C GLN A 82 -17.81 22.63 1.97
N CYS A 83 -17.23 22.08 3.02
CA CYS A 83 -16.01 21.30 2.92
C CYS A 83 -16.24 19.99 2.13
N ALA A 84 -17.34 19.33 2.40
CA ALA A 84 -17.68 18.14 1.66
C ALA A 84 -17.85 18.46 0.16
N LEU A 85 -18.53 19.55 -0.18
CA LEU A 85 -18.71 19.90 -1.59
C LEU A 85 -17.39 20.30 -2.27
N ALA A 86 -16.50 20.93 -1.50
CA ALA A 86 -15.15 21.31 -1.99
C ALA A 86 -14.30 20.08 -2.37
N ALA A 87 -14.24 19.14 -1.45
CA ALA A 87 -13.67 17.82 -1.67
C ALA A 87 -14.27 17.14 -2.91
N LEU A 88 -15.58 17.12 -3.01
CA LEU A 88 -16.23 16.58 -4.18
C LEU A 88 -15.85 17.25 -5.46
N ARG A 89 -15.62 18.55 -5.43
CA ARG A 89 -15.19 19.29 -6.62
C ARG A 89 -13.80 18.81 -7.00
N ASP A 90 -12.98 18.51 -6.02
CA ASP A 90 -11.67 18.01 -6.30
C ASP A 90 -11.73 16.59 -6.82
N VAL A 91 -12.71 15.80 -6.38
CA VAL A 91 -12.93 14.46 -6.89
C VAL A 91 -13.26 14.48 -8.37
N LYS A 92 -14.24 15.30 -8.77
CA LYS A 92 -14.59 15.52 -10.18
C LYS A 92 -13.32 15.81 -10.97
N SER A 93 -12.53 16.70 -10.45
CA SER A 93 -11.39 17.17 -11.15
C SER A 93 -10.40 16.03 -11.33
N TYR A 94 -10.15 15.29 -10.27
CA TYR A 94 -9.23 14.16 -10.30
C TYR A 94 -9.66 13.08 -11.29
N LEU A 95 -10.92 12.67 -11.20
CA LEU A 95 -11.43 11.58 -12.02
C LEU A 95 -11.75 11.97 -13.45
N ALA A 96 -12.24 13.17 -13.67
CA ALA A 96 -12.66 13.60 -15.01
C ALA A 96 -11.53 14.21 -15.75
N LYS A 97 -10.60 14.89 -15.07
CA LYS A 97 -9.60 15.70 -15.74
C LYS A 97 -8.13 15.37 -15.43
N GLU A 98 -7.82 14.79 -14.28
CA GLU A 98 -6.45 14.56 -13.94
C GLU A 98 -6.07 13.11 -14.18
N GLY A 99 -7.00 12.32 -14.73
CA GLY A 99 -6.72 10.93 -15.09
C GLY A 99 -6.74 9.93 -13.95
N GLY A 100 -7.36 10.31 -12.84
CA GLY A 100 -7.54 9.39 -11.74
C GLY A 100 -8.65 8.44 -12.09
N GLN A 101 -8.59 7.27 -11.46
CA GLN A 101 -9.53 6.18 -11.69
C GLN A 101 -10.45 5.96 -10.52
N ILE A 102 -9.88 5.95 -9.31
CA ILE A 102 -10.66 5.79 -8.09
C ILE A 102 -10.40 6.95 -7.15
N ALA A 103 -11.48 7.57 -6.69
CA ALA A 103 -11.41 8.56 -5.59
C ALA A 103 -12.01 7.99 -4.31
N VAL A 104 -11.26 8.05 -3.22
CA VAL A 104 -11.81 7.60 -1.92
C VAL A 104 -12.25 8.78 -1.09
N PHE A 105 -13.55 8.84 -0.84
CA PHE A 105 -14.19 9.93 -0.10
C PHE A 105 -14.24 9.56 1.36
N ASP A 106 -13.23 9.95 2.11
CA ASP A 106 -13.07 9.59 3.52
C ASP A 106 -13.79 10.60 4.43
N ALA A 107 -14.96 10.18 4.89
CA ALA A 107 -15.73 10.99 5.80
C ALA A 107 -16.74 10.08 6.51
N THR A 108 -17.43 10.61 7.51
CA THR A 108 -18.41 9.84 8.24
C THR A 108 -19.55 9.35 7.31
N ASN A 109 -20.06 10.24 6.46
CA ASN A 109 -21.18 9.93 5.61
C ASN A 109 -22.23 9.01 6.29
N THR A 110 -22.66 9.43 7.47
CA THR A 110 -23.49 8.64 8.35
C THR A 110 -24.99 8.78 8.17
N THR A 111 -25.41 9.75 7.36
CA THR A 111 -26.80 10.03 7.11
C THR A 111 -27.10 9.73 5.67
N ARG A 112 -28.31 9.23 5.43
CA ARG A 112 -28.84 9.01 4.08
C ARG A 112 -28.82 10.25 3.31
N GLU A 113 -29.15 11.35 3.96
CA GLU A 113 -29.27 12.60 3.24
C GLU A 113 -27.93 12.85 2.58
N ARG A 114 -26.86 12.75 3.37
CA ARG A 114 -25.52 13.03 2.86
C ARG A 114 -25.05 12.07 1.76
N ARG A 115 -25.36 10.78 1.90
CA ARG A 115 -25.02 9.79 0.89
C ARG A 115 -25.76 10.03 -0.40
N HIS A 116 -27.02 10.41 -0.28
CA HIS A 116 -27.79 10.89 -1.43
C HIS A 116 -27.08 12.03 -2.14
N MET A 117 -26.56 12.99 -1.42
CA MET A 117 -25.88 14.07 -2.12
C MET A 117 -24.74 13.46 -2.97
N ILE A 118 -23.86 12.64 -2.37
CA ILE A 118 -22.71 11.99 -3.08
C ILE A 118 -23.11 11.14 -4.29
N LEU A 119 -24.25 10.47 -4.14
CA LEU A 119 -24.79 9.63 -5.17
C LEU A 119 -25.27 10.45 -6.34
N HIS A 120 -25.95 11.55 -6.05
CA HIS A 120 -26.40 12.47 -7.08
C HIS A 120 -25.15 13.01 -7.78
N PHE A 121 -24.12 13.39 -7.03
CA PHE A 121 -22.84 13.83 -7.62
C PHE A 121 -22.27 12.81 -8.63
N ALA A 122 -22.26 11.54 -8.23
CA ALA A 122 -21.68 10.53 -9.08
C ALA A 122 -22.52 10.30 -10.30
N LYS A 123 -23.83 10.23 -10.13
CA LYS A 123 -24.65 9.89 -11.29
C LYS A 123 -24.50 10.98 -12.35
N GLU A 124 -24.40 12.22 -11.94
CA GLU A 124 -24.31 13.27 -12.90
C GLU A 124 -22.91 13.49 -13.49
N ASN A 125 -21.88 12.84 -12.98
CA ASN A 125 -20.60 12.87 -13.66
C ASN A 125 -20.24 11.55 -14.31
N ASP A 126 -21.16 10.60 -14.24
CA ASP A 126 -20.91 9.27 -14.71
C ASP A 126 -19.82 8.53 -13.97
N PHE A 127 -19.80 8.71 -12.66
CA PHE A 127 -18.93 7.96 -11.77
C PHE A 127 -19.74 6.88 -11.14
N LYS A 128 -19.12 5.74 -10.98
CA LYS A 128 -19.73 4.72 -10.19
C LYS A 128 -19.53 5.13 -8.74
N ALA A 129 -20.33 4.58 -7.85
CA ALA A 129 -20.16 4.74 -6.42
C ALA A 129 -20.19 3.39 -5.72
N PHE A 130 -19.34 3.24 -4.72
CA PHE A 130 -19.22 2.00 -4.00
C PHE A 130 -18.94 2.34 -2.55
N PHE A 131 -19.76 1.84 -1.63
CA PHE A 131 -19.74 2.27 -0.24
C PHE A 131 -19.06 1.22 0.58
N ILE A 132 -18.15 1.65 1.45
CA ILE A 132 -17.50 0.77 2.39
C ILE A 132 -17.77 1.35 3.77
N GLU A 133 -18.50 0.60 4.58
CA GLU A 133 -18.92 1.05 5.89
C GLU A 133 -18.21 0.18 6.90
N SER A 134 -17.68 0.83 7.94
CA SER A 134 -17.07 0.12 9.06
C SER A 134 -17.93 0.25 10.30
N VAL A 135 -18.30 -0.85 10.94
CA VAL A 135 -19.20 -0.81 12.07
C VAL A 135 -18.56 -1.55 13.17
N CYS A 136 -18.47 -0.93 14.35
CA CYS A 136 -17.92 -1.60 15.52
C CYS A 136 -18.29 -0.88 16.79
N ASP A 137 -18.70 -1.64 17.81
CA ASP A 137 -19.17 -1.08 19.11
C ASP A 137 -18.40 -1.70 20.28
N ASP A 138 -17.18 -2.10 20.06
CA ASP A 138 -16.38 -2.53 21.14
C ASP A 138 -15.55 -1.31 21.63
N PRO A 139 -15.82 -0.84 22.85
CA PRO A 139 -15.11 0.34 23.40
C PRO A 139 -13.60 0.22 23.43
N THR A 140 -13.09 -0.98 23.62
CA THR A 140 -11.66 -1.21 23.57
C THR A 140 -11.02 -0.82 22.24
N VAL A 141 -11.70 -1.18 21.16
CA VAL A 141 -11.17 -0.91 19.83
C VAL A 141 -11.19 0.59 19.54
N VAL A 142 -12.34 1.20 19.79
CA VAL A 142 -12.51 2.63 19.66
C VAL A 142 -11.40 3.35 20.47
N ALA A 143 -11.26 2.96 21.73
CA ALA A 143 -10.30 3.62 22.63
C ALA A 143 -8.88 3.50 22.05
N SER A 144 -8.60 2.31 21.60
CA SER A 144 -7.31 2.05 21.06
C SER A 144 -7.06 2.95 19.84
N ASN A 145 -8.04 3.08 18.96
CA ASN A 145 -7.88 3.90 17.79
C ASN A 145 -7.67 5.36 18.12
N ILE A 146 -8.40 5.85 19.12
CA ILE A 146 -8.23 7.20 19.56
C ILE A 146 -6.81 7.43 20.03
N MET A 147 -6.33 6.53 20.90
CA MET A 147 -4.95 6.61 21.39
C MET A 147 -3.93 6.64 20.24
N GLU A 148 -4.17 5.83 19.21
CA GLU A 148 -3.10 5.51 18.26
C GLU A 148 -2.96 6.62 17.20
N VAL A 149 -4.09 7.26 16.84
CA VAL A 149 -4.05 8.29 15.77
C VAL A 149 -4.90 9.53 15.97
N LYS A 150 -5.79 9.57 16.96
CA LYS A 150 -6.57 10.79 17.15
C LYS A 150 -5.87 11.84 18.03
N ILE A 151 -5.41 11.44 19.21
CA ILE A 151 -4.73 12.39 20.12
C ILE A 151 -3.43 12.96 19.50
N SER A 152 -2.74 12.14 18.71
CA SER A 152 -1.55 12.62 17.94
C SER A 152 -1.97 13.54 16.81
N SER A 153 -3.26 13.66 16.52
CA SER A 153 -3.65 14.53 15.44
C SER A 153 -3.42 16.02 15.79
N PRO A 154 -3.27 16.85 14.75
CA PRO A 154 -3.10 18.31 14.90
C PRO A 154 -4.27 19.03 15.61
N ASP A 155 -5.49 18.55 15.42
CA ASP A 155 -6.64 19.05 16.19
C ASP A 155 -6.31 19.17 17.70
N TYR A 156 -5.60 18.18 18.23
CA TYR A 156 -5.36 18.03 19.67
C TYR A 156 -3.92 18.44 20.10
N LYS A 157 -3.22 19.15 19.21
CA LYS A 157 -1.90 19.72 19.47
C LYS A 157 -1.79 20.33 20.87
N ASP A 158 -2.75 21.19 21.22
CA ASP A 158 -2.75 21.90 22.51
C ASP A 158 -3.42 21.15 23.64
N CYS A 159 -4.28 20.16 23.35
CA CYS A 159 -4.91 19.35 24.43
C CYS A 159 -3.82 18.34 24.95
N ASN A 160 -3.99 17.75 26.13
CA ASN A 160 -3.27 16.54 26.57
C ASN A 160 -4.12 15.23 26.40
N SER A 161 -3.52 14.08 26.70
CA SER A 161 -4.14 12.77 26.41
C SER A 161 -5.51 12.55 26.98
N ALA A 162 -5.61 12.71 28.30
CA ALA A 162 -6.84 12.37 29.01
C ALA A 162 -7.94 13.27 28.52
N GLU A 163 -7.57 14.49 28.17
CA GLU A 163 -8.57 15.45 27.78
C GLU A 163 -8.93 15.34 26.31
N ALA A 164 -7.97 14.91 25.48
CA ALA A 164 -8.22 14.65 24.05
C ALA A 164 -9.09 13.40 23.87
N MET A 165 -8.76 12.34 24.60
CA MET A 165 -9.57 11.14 24.66
C MET A 165 -11.00 11.57 24.94
N ASP A 166 -11.10 12.36 25.98
CA ASP A 166 -12.39 12.70 26.51
C ASP A 166 -13.16 13.59 25.50
N ASP A 167 -12.47 14.55 24.89
CA ASP A 167 -13.07 15.32 23.81
C ASP A 167 -13.50 14.39 22.66
N PHE A 168 -12.65 13.44 22.28
CA PHE A 168 -12.98 12.61 21.16
C PHE A 168 -14.25 11.76 21.39
N MET A 169 -14.42 11.21 22.58
CA MET A 169 -15.63 10.42 22.87
C MET A 169 -16.96 11.24 22.72
N LYS A 170 -16.93 12.49 23.16
CA LYS A 170 -18.12 13.31 23.13
C LYS A 170 -18.35 13.71 21.71
N ARG A 171 -17.25 13.90 20.99
CA ARG A 171 -17.30 14.09 19.53
C ARG A 171 -18.01 12.92 18.82
N ILE A 172 -17.59 11.70 19.13
CA ILE A 172 -18.28 10.55 18.62
C ILE A 172 -19.77 10.64 18.97
N SER A 173 -20.09 10.90 20.24
CA SER A 173 -21.53 10.94 20.64
C SER A 173 -22.37 11.94 19.84
N CYS A 174 -21.77 13.00 19.30
CA CYS A 174 -22.50 13.92 18.42
C CYS A 174 -23.11 13.27 17.17
N TYR A 175 -22.48 12.23 16.65
CA TYR A 175 -22.93 11.65 15.38
C TYR A 175 -23.98 10.55 15.58
N GLU A 176 -24.14 10.06 16.81
CA GLU A 176 -24.89 8.79 17.02
C GLU A 176 -26.36 8.92 16.68
N ALA A 177 -27.00 10.03 17.03
CA ALA A 177 -28.44 10.10 16.87
C ALA A 177 -28.89 10.18 15.41
N SER A 178 -28.11 10.76 14.52
CA SER A 178 -28.51 10.89 13.11
C SER A 178 -27.91 9.76 12.26
N TYR A 179 -27.21 8.84 12.91
CA TYR A 179 -26.53 7.75 12.20
C TYR A 179 -27.50 6.68 11.62
N GLN A 180 -27.63 6.70 10.30
CA GLN A 180 -28.37 5.71 9.51
C GLN A 180 -27.43 4.70 8.84
N PRO A 181 -27.18 3.57 9.52
CA PRO A 181 -26.29 2.54 8.92
C PRO A 181 -26.79 2.09 7.57
N LEU A 182 -25.87 1.64 6.70
CA LEU A 182 -26.26 1.11 5.41
C LEU A 182 -27.20 -0.08 5.65
N ASP A 183 -28.29 -0.09 4.90
CA ASP A 183 -29.26 -1.16 4.99
C ASP A 183 -29.47 -1.86 3.61
N PRO A 184 -28.62 -2.85 3.33
CA PRO A 184 -28.70 -3.56 2.05
C PRO A 184 -30.04 -4.28 1.85
N ASP A 185 -30.63 -4.83 2.92
CA ASP A 185 -31.97 -5.46 2.86
C ASP A 185 -33.02 -4.55 2.26
N LYS A 186 -33.24 -3.40 2.87
CA LYS A 186 -34.36 -2.57 2.51
C LYS A 186 -33.88 -1.31 1.84
N CYS A 187 -33.60 -0.25 2.59
CA CYS A 187 -33.49 1.06 1.94
C CYS A 187 -32.29 1.24 0.94
N ASP A 188 -31.22 0.47 1.14
CA ASP A 188 -30.01 0.57 0.29
C ASP A 188 -29.84 -0.64 -0.66
N ARG A 189 -30.95 -1.33 -0.96
CA ARG A 189 -30.95 -2.58 -1.74
C ARG A 189 -30.25 -2.49 -3.10
N ASP A 190 -30.32 -1.35 -3.76
CA ASP A 190 -29.70 -1.23 -5.05
C ASP A 190 -28.29 -0.67 -5.01
N LEU A 191 -27.69 -0.53 -3.86
CA LEU A 191 -26.44 0.14 -3.84
C LEU A 191 -25.35 -0.91 -3.80
N SER A 192 -24.21 -0.56 -4.37
CA SER A 192 -23.07 -1.41 -4.32
C SER A 192 -22.32 -1.05 -3.06
N LEU A 193 -22.08 -2.04 -2.21
CA LEU A 193 -21.46 -1.80 -0.92
C LEU A 193 -20.89 -3.05 -0.29
N ILE A 194 -20.06 -2.80 0.72
CA ILE A 194 -19.54 -3.72 1.71
C ILE A 194 -19.80 -3.09 3.09
N LYS A 195 -20.39 -3.85 3.98
CA LYS A 195 -20.52 -3.40 5.34
C LYS A 195 -19.63 -4.36 6.10
N VAL A 196 -18.61 -3.80 6.74
CA VAL A 196 -17.59 -4.56 7.47
C VAL A 196 -17.84 -4.47 8.97
N ILE A 197 -17.79 -5.60 9.64
CA ILE A 197 -18.25 -5.65 11.02
C ILE A 197 -17.19 -6.20 11.93
N ASP A 198 -16.84 -5.44 12.95
CA ASP A 198 -15.94 -5.92 14.01
C ASP A 198 -14.53 -6.21 13.54
N VAL A 199 -13.97 -5.25 12.82
CA VAL A 199 -12.55 -5.25 12.47
C VAL A 199 -12.21 -6.42 11.51
N GLY A 200 -13.02 -6.54 10.49
CA GLY A 200 -12.84 -7.55 9.45
C GLY A 200 -13.41 -8.94 9.74
N ARG A 201 -14.27 -9.11 10.72
CA ARG A 201 -14.77 -10.45 11.05
C ARG A 201 -15.93 -10.92 10.19
N ARG A 202 -16.78 -10.00 9.74
CA ARG A 202 -18.01 -10.33 9.06
C ARG A 202 -18.17 -9.24 8.01
N PHE A 203 -18.64 -9.64 6.82
CA PHE A 203 -18.84 -8.75 5.72
C PHE A 203 -20.19 -9.01 5.14
N LEU A 204 -20.79 -7.97 4.61
CA LEU A 204 -22.04 -8.08 3.93
C LEU A 204 -21.78 -7.32 2.63
N VAL A 205 -21.81 -8.04 1.52
CA VAL A 205 -21.43 -7.49 0.26
C VAL A 205 -22.68 -7.45 -0.57
N ASN A 206 -22.95 -6.34 -1.23
CA ASN A 206 -24.12 -6.22 -2.04
C ASN A 206 -23.77 -5.60 -3.36
N ARG A 207 -24.32 -6.18 -4.43
CA ARG A 207 -24.20 -5.72 -5.84
C ARG A 207 -22.80 -5.34 -6.32
N VAL A 208 -21.86 -6.27 -6.26
CA VAL A 208 -20.53 -6.03 -6.82
C VAL A 208 -20.63 -5.83 -8.32
N GLN A 209 -20.37 -4.62 -8.82
CA GLN A 209 -20.57 -4.27 -10.23
C GLN A 209 -19.44 -4.67 -11.20
N ASP A 210 -18.21 -4.74 -10.72
CA ASP A 210 -17.06 -4.84 -11.59
C ASP A 210 -15.83 -5.35 -10.83
N HIS A 211 -14.68 -5.43 -11.48
CA HIS A 211 -13.54 -6.14 -10.92
C HIS A 211 -12.76 -5.32 -9.84
N ILE A 212 -12.85 -4.01 -9.86
CA ILE A 212 -12.23 -3.23 -8.84
C ILE A 212 -12.92 -3.59 -7.52
N GLN A 213 -14.24 -3.58 -7.58
CA GLN A 213 -15.05 -3.91 -6.42
C GLN A 213 -14.77 -5.30 -5.91
N SER A 214 -14.81 -6.33 -6.78
CA SER A 214 -14.52 -7.67 -6.23
C SER A 214 -13.09 -7.76 -5.67
N ARG A 215 -12.11 -7.10 -6.30
CA ARG A 215 -10.75 -7.12 -5.83
C ARG A 215 -10.56 -6.43 -4.48
N ILE A 216 -11.24 -5.32 -4.28
CA ILE A 216 -11.21 -4.66 -2.97
C ILE A 216 -11.71 -5.59 -1.89
N VAL A 217 -12.80 -6.28 -2.15
CA VAL A 217 -13.34 -7.19 -1.13
C VAL A 217 -12.38 -8.31 -0.79
N TYR A 218 -11.76 -8.86 -1.84
CA TYR A 218 -10.77 -9.90 -1.64
C TYR A 218 -9.62 -9.38 -0.75
N TYR A 219 -9.18 -8.16 -1.04
CA TYR A 219 -8.08 -7.53 -0.30
C TYR A 219 -8.46 -7.39 1.17
N LEU A 220 -9.65 -6.84 1.39
CA LEU A 220 -10.17 -6.64 2.73
C LEU A 220 -10.39 -7.94 3.46
N MET A 221 -10.70 -9.00 2.75
CA MET A 221 -10.74 -10.30 3.41
C MET A 221 -9.37 -10.83 3.71
N ASN A 222 -8.34 -10.30 3.07
CA ASN A 222 -6.99 -10.78 3.36
C ASN A 222 -6.17 -10.04 4.43
N ILE A 223 -6.45 -8.75 4.60
CA ILE A 223 -5.76 -7.98 5.63
C ILE A 223 -6.24 -8.27 7.05
N HIS A 224 -5.43 -7.86 8.01
CA HIS A 224 -5.74 -8.02 9.40
C HIS A 224 -4.93 -6.99 10.21
N VAL A 225 -5.25 -6.83 11.49
CA VAL A 225 -4.59 -5.80 12.29
C VAL A 225 -3.84 -6.43 13.44
N GLN A 226 -3.66 -7.73 13.39
CA GLN A 226 -2.81 -8.43 14.34
C GLN A 226 -1.39 -7.89 14.30
N PRO A 227 -0.70 -7.87 15.46
CA PRO A 227 0.68 -7.42 15.49
C PRO A 227 1.61 -8.45 14.84
N ARG A 228 2.63 -7.96 14.15
CA ARG A 228 3.62 -8.82 13.50
C ARG A 228 4.73 -8.00 12.85
N THR A 229 5.74 -8.69 12.32
CA THR A 229 6.91 -8.04 11.78
C THR A 229 7.23 -8.60 10.41
N ILE A 230 7.59 -7.74 9.46
CA ILE A 230 7.99 -8.16 8.13
C ILE A 230 9.43 -7.84 7.92
N TYR A 231 10.26 -8.85 7.60
CA TYR A 231 11.70 -8.67 7.33
C TYR A 231 11.98 -8.91 5.85
N LEU A 232 12.69 -8.04 5.19
CA LEU A 232 12.99 -8.20 3.78
C LEU A 232 14.49 -8.08 3.60
N CYS A 233 15.13 -8.98 2.86
CA CYS A 233 16.55 -8.86 2.49
C CYS A 233 16.84 -9.62 1.26
N ARG A 234 18.03 -9.41 0.73
CA ARG A 234 18.49 -10.09 -0.49
C ARG A 234 19.23 -11.34 -0.13
N HIS A 235 19.44 -12.17 -1.15
CA HIS A 235 20.37 -13.26 -1.05
C HIS A 235 21.70 -12.66 -0.62
N GLY A 236 22.47 -13.41 0.18
CA GLY A 236 23.90 -13.18 0.29
C GLY A 236 24.52 -12.90 -1.07
N GLU A 237 25.59 -12.14 -1.11
CA GLU A 237 26.35 -11.89 -2.33
C GLU A 237 26.64 -13.20 -3.04
N ASN A 238 26.59 -13.15 -4.36
CA ASN A 238 26.80 -14.33 -5.15
C ASN A 238 27.95 -14.04 -6.06
N GLU A 239 28.42 -15.10 -6.72
CA GLU A 239 29.51 -14.97 -7.67
C GLU A 239 29.18 -13.91 -8.75
N HIS A 240 27.93 -13.87 -9.20
CA HIS A 240 27.55 -12.91 -10.26
C HIS A 240 27.71 -11.42 -9.81
N ASN A 241 27.43 -11.14 -8.54
CA ASN A 241 27.62 -9.80 -7.97
C ASN A 241 29.10 -9.41 -7.99
N LEU A 242 29.97 -10.35 -7.59
CA LEU A 242 31.42 -10.17 -7.67
C LEU A 242 31.93 -9.80 -9.06
N GLN A 243 31.27 -10.25 -10.11
CA GLN A 243 31.68 -9.93 -11.46
C GLN A 243 30.88 -8.81 -12.09
N GLY A 244 30.03 -8.13 -11.31
CA GLY A 244 29.16 -7.08 -11.86
C GLY A 244 28.18 -7.58 -12.91
N ARG A 245 27.75 -8.84 -12.79
CA ARG A 245 26.88 -9.45 -13.78
C ARG A 245 25.43 -9.53 -13.30
N ILE A 246 24.50 -9.22 -14.20
CA ILE A 246 23.09 -9.24 -13.87
C ILE A 246 22.40 -10.58 -14.18
N GLY A 247 21.24 -10.74 -13.54
CA GLY A 247 20.49 -11.97 -13.58
C GLY A 247 21.31 -13.21 -13.24
N GLY A 248 20.99 -14.30 -13.94
CA GLY A 248 21.62 -15.57 -13.76
C GLY A 248 21.17 -16.31 -12.51
N ASP A 249 21.88 -17.39 -12.21
CA ASP A 249 21.51 -18.26 -11.12
C ASP A 249 22.79 -18.83 -10.49
N SER A 250 23.69 -17.91 -10.13
CA SER A 250 24.91 -18.24 -9.40
C SER A 250 24.65 -18.44 -7.90
N GLY A 251 25.61 -19.04 -7.23
CA GLY A 251 25.45 -19.33 -5.80
C GLY A 251 26.29 -18.38 -4.95
N LEU A 252 26.16 -18.50 -3.65
CA LEU A 252 26.80 -17.57 -2.77
C LEU A 252 28.31 -17.56 -2.93
N SER A 253 28.90 -16.38 -2.87
CA SER A 253 30.34 -16.17 -2.53
C SER A 253 30.66 -16.53 -1.09
N SER A 254 31.94 -16.47 -0.71
CA SER A 254 32.26 -16.81 0.69
C SER A 254 31.68 -15.77 1.64
N ARG A 255 31.55 -14.53 1.20
CA ARG A 255 30.90 -13.48 2.03
C ARG A 255 29.39 -13.67 2.14
N GLY A 256 28.75 -14.02 1.03
CA GLY A 256 27.34 -14.45 1.03
C GLY A 256 27.14 -15.53 2.09
N LYS A 257 28.04 -16.50 2.16
CA LYS A 257 27.84 -17.51 3.18
C LYS A 257 27.96 -16.90 4.56
N LYS A 258 28.89 -15.95 4.71
CA LYS A 258 29.08 -15.34 6.01
C LYS A 258 27.83 -14.58 6.41
N PHE A 259 27.27 -13.86 5.46
CA PHE A 259 25.97 -13.20 5.69
C PHE A 259 24.86 -14.14 6.15
N ALA A 260 24.77 -15.30 5.50
CA ALA A 260 23.69 -16.21 5.81
C ALA A 260 23.82 -16.65 7.25
N SER A 261 25.06 -16.86 7.71
CA SER A 261 25.28 -17.16 9.14
C SER A 261 24.83 -16.00 10.04
N ALA A 262 25.20 -14.79 9.66
CA ALA A 262 24.82 -13.61 10.41
C ALA A 262 23.29 -13.55 10.46
N LEU A 263 22.67 -13.86 9.30
CA LEU A 263 21.22 -13.83 9.19
C LEU A 263 20.63 -14.86 10.12
N SER A 264 21.20 -16.06 10.21
CA SER A 264 20.70 -16.96 11.27
C SER A 264 20.78 -16.33 12.68
N LYS A 265 21.88 -15.63 12.95
CA LYS A 265 22.10 -15.08 14.29
C LYS A 265 21.05 -14.00 14.53
N PHE A 266 20.85 -13.12 13.56
CA PHE A 266 19.90 -12.04 13.74
C PHE A 266 18.47 -12.51 13.99
N VAL A 267 18.04 -13.52 13.27
CA VAL A 267 16.70 -14.11 13.42
C VAL A 267 16.52 -14.69 14.80
N GLU A 268 17.46 -15.55 15.22
CA GLU A 268 17.46 -16.10 16.59
C GLU A 268 17.28 -14.97 17.62
N GLU A 269 18.12 -13.93 17.54
CA GLU A 269 18.07 -12.82 18.49
C GLU A 269 16.84 -11.91 18.39
N GLN A 270 16.08 -11.95 17.29
CA GLN A 270 14.71 -11.35 17.26
C GLN A 270 13.68 -12.10 18.13
N ASN A 271 13.98 -13.34 18.48
CA ASN A 271 13.14 -14.09 19.40
C ASN A 271 11.64 -14.04 19.02
N LEU A 272 11.37 -14.57 17.81
CA LEU A 272 10.03 -14.55 17.24
C LEU A 272 9.30 -15.81 17.55
N LYS A 273 7.98 -15.70 17.75
CA LYS A 273 7.09 -16.83 17.99
C LYS A 273 7.16 -17.83 16.85
N ASP A 274 7.04 -17.36 15.61
CA ASP A 274 6.50 -18.23 14.58
C ASP A 274 6.84 -17.80 13.14
N LEU A 275 8.10 -17.74 12.79
CA LEU A 275 8.48 -17.03 11.58
C LEU A 275 8.28 -17.83 10.28
N ARG A 276 7.58 -17.28 9.27
CA ARG A 276 7.59 -17.90 7.93
C ARG A 276 8.76 -17.41 7.12
N VAL A 277 9.35 -18.26 6.27
CA VAL A 277 10.44 -17.87 5.37
C VAL A 277 10.16 -18.15 3.87
N TRP A 278 10.32 -17.13 3.05
CA TRP A 278 10.04 -17.26 1.63
C TRP A 278 11.29 -16.92 0.87
N THR A 279 11.61 -17.72 -0.14
CA THR A 279 12.69 -17.39 -1.04
C THR A 279 12.09 -17.38 -2.45
N SER A 280 12.98 -17.09 -3.39
CA SER A 280 12.77 -17.30 -4.76
C SER A 280 13.17 -18.76 -5.08
N GLN A 281 13.25 -19.06 -6.37
CA GLN A 281 13.67 -20.34 -6.85
C GLN A 281 15.10 -20.27 -7.32
N LEU A 282 15.71 -19.11 -7.25
CA LEU A 282 17.10 -18.98 -7.64
C LEU A 282 18.00 -19.36 -6.47
N LYS A 283 19.12 -20.00 -6.82
CA LYS A 283 19.97 -20.71 -5.84
C LYS A 283 20.39 -19.86 -4.66
N SER A 284 20.78 -18.60 -4.95
CA SER A 284 21.39 -17.74 -3.96
C SER A 284 20.41 -17.43 -2.82
N THR A 285 19.12 -17.26 -3.11
CA THR A 285 18.17 -17.01 -2.04
C THR A 285 17.93 -18.26 -1.21
N ILE A 286 17.98 -19.41 -1.87
CA ILE A 286 17.76 -20.70 -1.20
C ILE A 286 18.97 -21.06 -0.32
N GLN A 287 20.20 -20.87 -0.83
CA GLN A 287 21.38 -21.13 0.06
C GLN A 287 21.32 -20.23 1.32
N THR A 288 20.95 -18.95 1.14
CA THR A 288 20.79 -18.07 2.25
C THR A 288 19.82 -18.67 3.26
N ALA A 289 18.69 -19.20 2.79
CA ALA A 289 17.70 -19.69 3.72
C ALA A 289 18.15 -20.95 4.44
N GLU A 290 18.92 -21.78 3.72
CA GLU A 290 19.45 -23.01 4.30
C GLU A 290 20.15 -22.74 5.63
N ALA A 291 20.91 -21.66 5.66
CA ALA A 291 21.66 -21.33 6.84
C ALA A 291 20.80 -21.06 8.04
N LEU A 292 19.49 -20.87 7.89
CA LEU A 292 18.63 -20.55 9.04
C LEU A 292 18.17 -21.80 9.80
N ARG A 293 18.40 -22.99 9.25
CA ARG A 293 17.81 -24.18 9.87
C ARG A 293 16.30 -24.02 10.22
N LEU A 294 15.53 -23.35 9.36
CA LEU A 294 14.08 -23.22 9.51
C LEU A 294 13.43 -23.64 8.19
N PRO A 295 12.14 -24.02 8.22
CA PRO A 295 11.37 -24.30 6.98
C PRO A 295 11.20 -23.07 6.13
N TYR A 296 11.23 -23.27 4.83
CA TYR A 296 11.05 -22.16 3.92
C TYR A 296 10.26 -22.60 2.71
N GLU A 297 9.66 -21.66 2.00
CA GLU A 297 8.84 -21.93 0.81
C GLU A 297 9.52 -21.21 -0.34
N GLN A 298 9.63 -21.79 -1.53
CA GLN A 298 10.12 -21.03 -2.66
C GLN A 298 8.98 -20.52 -3.52
N TRP A 299 9.16 -19.35 -4.12
CA TRP A 299 8.17 -18.73 -4.95
C TRP A 299 8.85 -18.31 -6.24
N LYS A 300 8.38 -18.82 -7.35
CA LYS A 300 8.87 -18.35 -8.62
C LYS A 300 8.59 -16.86 -8.84
N ALA A 301 7.52 -16.37 -8.24
CA ALA A 301 7.18 -14.97 -8.32
C ALA A 301 8.24 -14.08 -7.67
N LEU A 302 8.99 -14.61 -6.71
CA LEU A 302 10.07 -13.85 -6.09
C LEU A 302 11.37 -13.83 -6.93
N ASN A 303 11.38 -14.51 -8.06
CA ASN A 303 12.59 -14.50 -8.87
C ASN A 303 12.91 -13.11 -9.33
N GLU A 304 14.21 -12.80 -9.41
CA GLU A 304 14.67 -11.50 -9.89
C GLU A 304 14.07 -11.15 -11.26
N ILE A 305 13.86 -9.87 -11.50
CA ILE A 305 13.43 -9.40 -12.80
C ILE A 305 14.24 -10.12 -13.90
N ASP A 306 13.62 -10.37 -15.04
CA ASP A 306 14.26 -11.09 -16.10
C ASP A 306 14.81 -10.10 -17.15
N ALA A 307 16.12 -10.12 -17.32
CA ALA A 307 16.79 -9.19 -18.26
C ALA A 307 16.80 -9.64 -19.74
N GLY A 308 16.14 -10.74 -20.06
CA GLY A 308 15.93 -11.14 -21.45
C GLY A 308 17.22 -11.52 -22.14
N VAL A 309 17.49 -10.91 -23.28
CA VAL A 309 18.78 -11.11 -23.93
C VAL A 309 19.97 -10.60 -23.12
N CYS A 310 19.74 -9.73 -22.13
CA CYS A 310 20.87 -9.20 -21.37
C CYS A 310 21.25 -10.05 -20.16
N GLU A 311 20.61 -11.19 -19.97
CA GLU A 311 20.93 -12.01 -18.80
C GLU A 311 22.40 -12.43 -18.81
N GLU A 312 23.08 -12.40 -17.66
CA GLU A 312 24.50 -12.84 -17.53
C GLU A 312 25.51 -11.76 -17.94
N LEU A 313 25.07 -10.74 -18.65
CA LEU A 313 25.90 -9.63 -19.10
C LEU A 313 26.21 -8.67 -17.97
N THR A 314 27.29 -7.87 -18.15
CA THR A 314 27.62 -6.76 -17.21
C THR A 314 26.96 -5.55 -17.73
N TYR A 315 26.75 -4.55 -16.87
CA TYR A 315 26.22 -3.30 -17.38
C TYR A 315 27.07 -2.67 -18.53
N GLU A 316 28.39 -2.81 -18.47
CA GLU A 316 29.23 -2.32 -19.57
C GLU A 316 28.95 -3.06 -20.87
N GLU A 317 28.96 -4.39 -20.82
CA GLU A 317 28.64 -5.21 -21.98
C GLU A 317 27.31 -4.77 -22.59
N ILE A 318 26.33 -4.45 -21.75
CA ILE A 318 25.05 -3.97 -22.25
C ILE A 318 25.21 -2.61 -22.92
N ARG A 319 25.99 -1.74 -22.29
CA ARG A 319 26.28 -0.43 -22.85
C ARG A 319 26.89 -0.59 -24.26
N ASP A 320 27.88 -1.48 -24.41
CA ASP A 320 28.56 -1.72 -25.70
C ASP A 320 27.71 -2.48 -26.70
N THR A 321 27.16 -3.62 -26.30
CA THR A 321 26.38 -4.45 -27.21
C THR A 321 25.00 -3.86 -27.57
N TYR A 322 24.35 -3.18 -26.62
CA TYR A 322 22.98 -2.65 -26.84
C TYR A 322 22.88 -1.16 -26.39
N PRO A 323 23.69 -0.28 -27.02
CA PRO A 323 23.68 1.18 -26.73
C PRO A 323 22.28 1.84 -26.63
N GLU A 324 21.38 1.53 -27.56
CA GLU A 324 20.05 2.12 -27.56
C GLU A 324 19.26 1.58 -26.35
N GLU A 325 19.30 0.25 -26.15
CA GLU A 325 18.62 -0.44 -25.03
C GLU A 325 19.00 0.10 -23.66
N TYR A 326 20.30 0.34 -23.49
CA TYR A 326 20.88 0.94 -22.26
C TYR A 326 20.28 2.33 -21.95
N ALA A 327 20.31 3.21 -22.93
CA ALA A 327 19.83 4.57 -22.73
C ALA A 327 18.33 4.56 -22.45
N LEU A 328 17.59 3.75 -23.21
CA LEU A 328 16.14 3.67 -23.05
C LEU A 328 15.78 3.32 -21.59
N ARG A 329 16.53 2.38 -21.03
CA ARG A 329 16.33 1.96 -19.67
C ARG A 329 16.56 3.10 -18.70
N GLU A 330 17.66 3.85 -18.88
CA GLU A 330 17.91 5.06 -18.02
C GLU A 330 16.83 6.16 -18.16
N GLN A 331 16.30 6.34 -19.35
CA GLN A 331 15.22 7.29 -19.53
C GLN A 331 13.91 6.89 -18.86
N ASP A 332 13.58 5.60 -18.78
CA ASP A 332 12.32 5.19 -18.16
C ASP A 332 12.43 3.81 -17.53
N LYS A 333 13.02 3.76 -16.35
CA LYS A 333 13.46 2.52 -15.77
C LYS A 333 12.27 1.70 -15.20
N TYR A 334 11.16 2.35 -14.85
CA TYR A 334 9.98 1.62 -14.42
C TYR A 334 9.28 0.85 -15.56
N TYR A 335 9.00 1.54 -16.69
CA TYR A 335 8.25 0.98 -17.84
C TYR A 335 9.12 0.19 -18.86
N TYR A 336 10.41 0.46 -18.87
CA TYR A 336 11.32 -0.21 -19.79
C TYR A 336 11.26 -1.70 -19.64
N ARG A 337 11.02 -2.40 -20.76
CA ARG A 337 11.11 -3.86 -20.83
C ARG A 337 12.39 -4.33 -21.54
N TYR A 338 13.13 -5.21 -20.89
CA TYR A 338 14.28 -5.82 -21.53
C TYR A 338 13.76 -6.69 -22.72
N PRO A 339 14.53 -6.80 -23.83
CA PRO A 339 14.07 -7.67 -24.94
C PRO A 339 13.96 -9.18 -24.57
N THR A 340 12.72 -9.71 -24.66
CA THR A 340 12.31 -11.08 -24.25
C THR A 340 12.30 -11.19 -22.73
N GLY A 341 12.13 -10.04 -22.08
CA GLY A 341 12.43 -9.88 -20.66
C GLY A 341 11.34 -9.08 -20.01
N GLU A 342 11.68 -8.48 -18.88
CA GLU A 342 10.68 -7.80 -18.01
C GLU A 342 10.95 -6.31 -17.69
N SER A 343 9.89 -5.66 -17.24
CA SER A 343 9.94 -4.30 -16.72
C SER A 343 9.59 -4.37 -15.26
N TYR A 344 9.94 -3.33 -14.52
CA TYR A 344 9.46 -3.20 -13.12
C TYR A 344 7.95 -3.29 -13.04
N GLN A 345 7.28 -2.71 -14.02
CA GLN A 345 5.85 -2.85 -14.11
C GLN A 345 5.35 -4.32 -14.19
N ASP A 346 6.05 -5.15 -14.97
CA ASP A 346 5.79 -6.59 -15.05
C ASP A 346 6.01 -7.20 -13.70
N LEU A 347 7.16 -6.89 -13.11
CA LEU A 347 7.45 -7.32 -11.73
C LEU A 347 6.25 -7.20 -10.77
N VAL A 348 5.66 -6.02 -10.76
CA VAL A 348 4.58 -5.74 -9.83
C VAL A 348 3.43 -6.69 -10.08
N GLN A 349 3.15 -6.98 -11.34
CA GLN A 349 2.01 -7.81 -11.62
C GLN A 349 2.29 -9.18 -11.09
N ARG A 350 3.53 -9.66 -11.16
CA ARG A 350 3.72 -11.00 -10.64
C ARG A 350 3.95 -11.02 -9.16
N LEU A 351 4.26 -9.87 -8.56
CA LEU A 351 4.35 -9.81 -7.07
C LEU A 351 3.01 -9.60 -6.35
N GLU A 352 1.98 -9.20 -7.08
CA GLU A 352 0.70 -8.96 -6.48
C GLU A 352 0.20 -10.11 -5.57
N PRO A 353 0.28 -11.36 -6.07
CA PRO A 353 -0.12 -12.47 -5.18
C PRO A 353 0.85 -12.68 -4.05
N VAL A 354 2.13 -12.29 -4.23
CA VAL A 354 3.01 -12.31 -3.06
C VAL A 354 2.50 -11.32 -1.96
N ILE A 355 2.21 -10.10 -2.39
CA ILE A 355 1.65 -9.11 -1.49
C ILE A 355 0.36 -9.61 -0.81
N MET A 356 -0.55 -10.12 -1.62
CA MET A 356 -1.80 -10.59 -1.11
C MET A 356 -1.55 -11.61 -0.08
N GLU A 357 -0.59 -12.51 -0.26
CA GLU A 357 -0.34 -13.53 0.82
C GLU A 357 0.39 -12.95 2.06
N LEU A 358 1.32 -12.02 1.85
CA LEU A 358 1.92 -11.31 2.95
C LEU A 358 0.92 -10.65 3.89
N GLU A 359 -0.13 -10.05 3.36
CA GLU A 359 -1.15 -9.45 4.20
C GLU A 359 -1.77 -10.49 5.11
N ARG A 360 -1.94 -11.73 4.65
CA ARG A 360 -2.56 -12.73 5.49
C ARG A 360 -1.67 -13.16 6.63
N GLN A 361 -0.35 -13.06 6.42
CA GLN A 361 0.61 -13.61 7.38
C GLN A 361 0.89 -12.73 8.60
N GLU A 362 1.65 -13.30 9.51
CA GLU A 362 2.17 -12.58 10.61
C GLU A 362 3.66 -12.36 10.38
N ASN A 363 4.52 -13.09 11.07
CA ASN A 363 5.92 -12.80 10.94
C ASN A 363 6.44 -13.53 9.74
N VAL A 364 7.04 -12.77 8.82
CA VAL A 364 7.64 -13.30 7.61
C VAL A 364 9.03 -12.69 7.28
N LEU A 365 9.94 -13.54 6.83
CA LEU A 365 11.20 -13.13 6.28
C LEU A 365 11.14 -13.45 4.82
N VAL A 366 11.35 -12.47 3.97
CA VAL A 366 11.40 -12.67 2.54
C VAL A 366 12.85 -12.39 2.06
N ILE A 367 13.48 -13.39 1.47
CA ILE A 367 14.79 -13.32 0.93
C ILE A 367 14.68 -13.30 -0.60
N CYS A 368 14.99 -12.18 -1.23
CA CYS A 368 14.76 -12.02 -2.65
C CYS A 368 15.95 -11.34 -3.38
N HIS A 369 15.68 -10.41 -4.27
CA HIS A 369 16.66 -9.89 -5.20
C HIS A 369 16.44 -8.38 -5.29
N GLN A 370 17.37 -7.65 -5.87
CA GLN A 370 17.34 -6.21 -5.84
C GLN A 370 16.06 -5.61 -6.38
N ALA A 371 15.76 -5.91 -7.62
CA ALA A 371 14.61 -5.28 -8.24
C ALA A 371 13.30 -5.71 -7.55
N VAL A 372 13.20 -6.96 -7.16
CA VAL A 372 12.02 -7.45 -6.51
C VAL A 372 11.86 -6.80 -5.15
N LEU A 373 12.96 -6.66 -4.44
CA LEU A 373 12.92 -5.99 -3.14
C LEU A 373 12.45 -4.52 -3.22
N ARG A 374 12.92 -3.79 -4.23
CA ARG A 374 12.50 -2.44 -4.42
C ARG A 374 11.01 -2.47 -4.52
N CYS A 375 10.46 -3.46 -5.26
CA CYS A 375 9.04 -3.41 -5.55
C CYS A 375 8.23 -3.68 -4.29
N LEU A 376 8.62 -4.69 -3.52
CA LEU A 376 7.95 -4.95 -2.28
C LEU A 376 8.00 -3.71 -1.38
N LEU A 377 9.20 -3.14 -1.29
CA LEU A 377 9.46 -2.01 -0.40
C LEU A 377 8.55 -0.86 -0.81
N ALA A 378 8.37 -0.67 -2.11
CA ALA A 378 7.56 0.43 -2.56
C ALA A 378 6.13 0.23 -2.11
N TYR A 379 5.62 -1.00 -2.18
CA TYR A 379 4.29 -1.26 -1.75
C TYR A 379 4.16 -0.92 -0.26
N PHE A 380 5.11 -1.37 0.55
CA PHE A 380 4.98 -1.12 1.97
C PHE A 380 5.23 0.34 2.37
N LEU A 381 6.07 1.08 1.64
CA LEU A 381 6.39 2.44 2.03
C LEU A 381 5.67 3.42 1.16
N ASP A 382 4.68 2.94 0.42
CA ASP A 382 3.91 3.82 -0.45
C ASP A 382 4.82 4.68 -1.33
N LYS A 383 5.81 4.09 -1.99
CA LYS A 383 6.70 4.80 -2.94
C LYS A 383 6.18 4.70 -4.36
N SER A 384 6.38 5.76 -5.11
CA SER A 384 5.75 5.87 -6.42
C SER A 384 6.51 5.03 -7.44
N ALA A 385 5.84 4.72 -8.54
CA ALA A 385 6.43 4.01 -9.68
C ALA A 385 7.75 4.66 -10.13
N GLU A 386 7.81 5.99 -10.08
CA GLU A 386 8.96 6.76 -10.54
C GLU A 386 10.21 6.49 -9.66
N GLU A 387 10.05 6.45 -8.33
CA GLU A 387 11.20 6.18 -7.42
C GLU A 387 11.52 4.72 -7.18
N MET A 388 10.52 3.86 -7.41
CA MET A 388 10.61 2.43 -7.19
C MET A 388 11.94 1.82 -7.68
N PRO A 389 12.32 2.02 -8.96
CA PRO A 389 13.58 1.37 -9.42
C PRO A 389 14.89 1.98 -8.91
N TYR A 390 14.80 3.03 -8.09
CA TYR A 390 16.00 3.60 -7.50
C TYR A 390 16.06 3.46 -5.98
N LEU A 391 15.07 2.84 -5.35
CA LEU A 391 15.14 2.63 -3.90
C LEU A 391 16.42 1.90 -3.58
N LYS A 392 16.98 2.16 -2.41
CA LYS A 392 18.29 1.54 -2.05
C LYS A 392 18.14 0.30 -1.18
N CYS A 393 18.72 -0.81 -1.63
CA CYS A 393 18.56 -2.13 -1.04
C CYS A 393 19.88 -2.83 -0.99
N PRO A 394 20.79 -2.35 -0.16
CA PRO A 394 22.12 -2.94 -0.20
C PRO A 394 22.10 -4.43 0.15
N LEU A 395 23.11 -5.16 -0.27
CA LEU A 395 23.34 -6.47 0.24
C LEU A 395 23.60 -6.49 1.75
N HIS A 396 23.36 -7.65 2.31
CA HIS A 396 23.64 -7.99 3.69
C HIS A 396 22.97 -7.11 4.71
N THR A 397 21.88 -6.51 4.28
CA THR A 397 21.15 -5.57 5.08
C THR A 397 19.70 -6.02 5.14
N VAL A 398 19.20 -6.18 6.35
CA VAL A 398 17.80 -6.49 6.62
C VAL A 398 16.96 -5.25 6.82
N LEU A 399 15.78 -5.23 6.22
CA LEU A 399 14.82 -4.15 6.41
C LEU A 399 13.70 -4.70 7.22
N LYS A 400 13.49 -4.10 8.39
CA LYS A 400 12.50 -4.57 9.30
C LYS A 400 11.29 -3.60 9.32
N LEU A 401 10.11 -4.07 8.95
CA LEU A 401 8.96 -3.22 8.78
C LEU A 401 7.99 -3.63 9.86
N THR A 402 7.53 -2.63 10.60
CA THR A 402 6.64 -2.87 11.68
C THR A 402 5.57 -1.83 11.44
N PRO A 403 4.31 -2.25 11.53
CA PRO A 403 3.22 -1.34 11.25
C PRO A 403 2.99 -0.43 12.44
N VAL A 404 2.98 0.87 12.24
CA VAL A 404 2.65 1.73 13.34
C VAL A 404 1.67 2.74 12.82
N ALA A 405 0.62 2.94 13.62
CA ALA A 405 -0.35 3.99 13.31
C ALA A 405 -0.95 3.72 11.91
N TYR A 406 -0.85 4.62 10.96
CA TYR A 406 -1.45 4.38 9.65
C TYR A 406 -0.54 3.65 8.62
N GLY A 407 0.75 3.50 8.94
CA GLY A 407 1.74 3.05 7.99
C GLY A 407 2.77 2.06 8.54
N CYS A 408 3.96 2.06 7.88
CA CYS A 408 5.09 1.17 8.21
C CYS A 408 6.30 1.98 8.64
N ARG A 409 6.84 1.61 9.79
CA ARG A 409 8.16 2.00 10.17
C ARG A 409 9.09 1.02 9.53
N VAL A 410 10.13 1.53 8.90
CA VAL A 410 11.19 0.67 8.40
C VAL A 410 12.44 0.87 9.24
N GLU A 411 13.17 -0.18 9.56
CA GLU A 411 14.49 -0.04 10.15
C GLU A 411 15.49 -0.88 9.39
N SER A 412 16.59 -0.27 8.99
CA SER A 412 17.73 -0.98 8.42
C SER A 412 18.54 -1.68 9.51
N ILE A 413 18.98 -2.90 9.29
CA ILE A 413 19.93 -3.59 10.17
C ILE A 413 20.99 -4.27 9.29
N TYR A 414 22.12 -3.58 9.08
CA TYR A 414 23.21 -4.14 8.33
C TYR A 414 23.95 -5.13 9.25
N LEU A 415 24.22 -6.33 8.71
CA LEU A 415 24.79 -7.43 9.49
C LEU A 415 26.33 -7.56 9.39
N ASN A 416 26.99 -6.46 8.99
CA ASN A 416 28.43 -6.33 9.19
C ASN A 416 29.18 -7.44 8.48
N VAL A 417 28.86 -7.61 7.20
CA VAL A 417 29.60 -8.56 6.35
C VAL A 417 29.77 -7.89 5.03
N GLU A 418 31.00 -7.72 4.57
CA GLU A 418 31.26 -6.88 3.41
C GLU A 418 30.64 -7.47 2.17
N SER A 419 30.57 -6.67 1.12
CA SER A 419 30.02 -7.11 -0.14
C SER A 419 30.19 -6.01 -1.15
N VAL A 420 29.95 -6.28 -2.41
CA VAL A 420 30.00 -5.24 -3.38
C VAL A 420 28.73 -4.43 -3.26
N CYS A 421 28.67 -3.42 -4.12
CA CYS A 421 27.54 -2.52 -4.18
C CYS A 421 26.93 -2.74 -5.54
N THR A 422 25.64 -3.04 -5.60
CA THR A 422 24.98 -3.21 -6.91
C THR A 422 23.96 -2.12 -7.18
N HIS A 423 24.07 -1.03 -6.42
CA HIS A 423 23.15 0.11 -6.56
C HIS A 423 23.65 1.10 -7.60
N ARG A 424 22.75 1.62 -8.41
CA ARG A 424 23.11 2.47 -9.52
C ARG A 424 22.19 3.68 -9.55
N GLU A 425 22.80 4.83 -9.29
CA GLU A 425 22.08 6.11 -9.05
C GLU A 425 21.26 6.49 -10.28
N ARG A 426 20.24 7.31 -10.05
CA ARG A 426 19.48 7.93 -11.15
C ARG A 426 20.51 8.79 -11.92
N SER A 427 20.74 8.45 -13.18
CA SER A 427 21.99 8.84 -13.84
C SER A 427 21.83 9.67 -15.12
N GLU A 428 22.61 10.76 -15.19
CA GLU A 428 22.78 11.54 -16.42
C GLU A 428 24.16 11.25 -17.00
CBF HAT B . -1.12 -0.66 13.52
CBG HAT B . -0.50 -0.98 14.86
NBH HAT B . -1.66 -1.16 15.73
CBJ HAT B . -1.35 -1.80 17.04
CBI HAT B . -2.63 -1.89 14.90
CBE HAT B . -2.57 -1.18 13.59
NBD HAT B . -3.48 -0.06 13.61
CBB HAT B . -4.66 -0.07 12.96
OBC HAT B . -5.02 -1.09 12.40
CAW HAT B . -5.49 1.08 13.06
CAX HAT B . -4.95 2.34 13.33
CAY HAT B . -5.72 3.50 13.43
NAZ HAT B . -7.08 3.44 13.27
CBA HAT B . -7.64 2.22 13.00
CAV HAT B . -6.88 1.04 12.90
NAQ HAT B . -7.41 -0.16 12.61
CAA HAT B . -8.74 -0.42 12.45
CAB HAT B . -9.14 -1.21 11.37
CAF HAT B . -9.70 -0.06 13.40
CAE HAT B . -11.03 -0.42 13.19
NAM HAT B . -11.95 -0.04 14.09
CAN HAT B . -13.31 -0.35 13.99
CAO HAT B . -13.70 -1.13 12.92
NAP HAT B . -12.74 -1.54 11.99
CAD HAT B . -11.43 -1.19 12.11
CAC HAT B . -10.49 -1.61 11.15
CAG HAT B . -10.85 -2.38 9.99
CAH HAT B . -10.28 -3.63 9.67
CAI HAT B . -10.65 -4.27 8.56
NAT HAT B . -10.25 -5.42 8.03
CAU HAT B . -9.25 -6.30 8.56
CAS HAT B . -10.90 -5.66 6.91
CAR HAT B . -11.74 -4.64 6.71
CAJ HAT B . -11.58 -3.76 7.72
CAK HAT B . -12.18 -2.60 7.97
CAL HAT B . -11.81 -1.90 9.10
P1 POP C . -11.87 7.09 11.30
O1 POP C . -12.18 8.24 12.23
O2 POP C . -11.23 7.47 10.00
O3 POP C . -13.10 6.20 11.23
O POP C . -10.87 6.14 12.13
P2 POP C . -9.25 6.02 11.95
O4 POP C . -8.66 7.40 11.75
O5 POP C . -8.94 5.29 10.68
O6 POP C . -8.90 5.30 13.27
CAC FLC D . -13.94 16.24 10.48
CA FLC D . -14.93 15.11 10.35
CB FLC D . -15.84 15.24 9.12
CBC FLC D . -16.75 14.01 9.08
CG FLC D . -16.66 16.52 9.04
CGC FLC D . -17.66 16.42 7.91
OA1 FLC D . -14.19 17.38 9.99
OA2 FLC D . -12.87 16.01 11.07
OB1 FLC D . -17.97 14.16 9.37
OB2 FLC D . -16.24 12.90 8.76
OG1 FLC D . -18.80 16.85 8.14
OG2 FLC D . -17.39 15.88 6.79
OHB FLC D . -15.03 15.22 7.97
O1 F6P E . 22.91 -6.90 -9.69
C1 F6P E . 21.96 -7.63 -8.89
C2 F6P E . 20.58 -7.60 -9.55
O2 F6P E . 19.67 -8.27 -8.63
C3 F6P E . 20.59 -8.18 -10.97
O3 F6P E . 20.45 -9.59 -11.03
C4 F6P E . 19.42 -7.49 -11.63
O4 F6P E . 19.56 -7.45 -13.05
C5 F6P E . 19.61 -6.09 -11.09
O5 F6P E . 20.13 -6.27 -9.77
C6 F6P E . 18.38 -5.21 -11.09
O6 F6P E . 18.72 -3.87 -10.68
P F6P E . 18.49 -2.73 -11.76
O1P F6P E . 18.93 -1.57 -10.95
O2P F6P E . 16.99 -2.71 -12.14
O3P F6P E . 19.40 -3.06 -12.89
C1 BME F . 26.11 2.67 -1.97
C2 BME F . 25.73 1.31 -1.38
O1 BME F . 24.93 3.28 -2.50
S2 BME F . 25.82 0.03 -2.69
P PO4 G . -6.84 -1.74 16.47
O1 PO4 G . -6.71 -0.35 17.09
O2 PO4 G . -7.06 -1.56 14.98
O3 PO4 G . -5.55 -2.49 16.65
O4 PO4 G . -7.99 -2.55 17.05
#